data_7TW7
#
_entry.id   7TW7
#
_cell.length_a   108.774
_cell.length_b   108.774
_cell.length_c   48.527
_cell.angle_alpha   90.000
_cell.angle_beta   90.000
_cell.angle_gamma   120.000
#
_symmetry.space_group_name_H-M   'P 65'
#
loop_
_entity.id
_entity.type
_entity.pdbx_description
1 polymer 'Transcription factor ETV6,Proofreading exoribonuclease nsp14 chimera'
2 non-polymer 'ZINC ION'
3 non-polymer S-ADENOSYLMETHIONINE
4 water water
#
_entity_poly.entity_id   1
_entity_poly.type   'polypeptide(L)'
_entity_poly.pdbx_seq_one_letter_code
;GSIALPAHLRLQPIYWSRDDVAQWLKWAENEFSLRPIDSNTFEMNGKALLLLTKEDFRYRSPHSGDELYELLQHILAQPA
AGDELKINAACRKVQHMVVKAALLADKFPVLHDIGNPKAIKCVPQADVEWKFYDAQPCSDKAYKIEELFYSYATHSDKFT
DGVCLFWNCNVDRYPANSIVCRFDTRVLSNLNLPGCDGGSLYVNKHAFHTPAFDKSAFVNLKQLPFFYYSDSPCESHGKQ
VVSDIDYVPLKSATCITRCNLGGAVCRHHANEYRLYLDAYNMMISAGFSLWVYKQFDTYNLWNTFTRLQ
;
_entity_poly.pdbx_strand_id   A
#
# COMPACT_ATOMS: atom_id res chain seq x y z
N LEU A 5 10.55 -16.72 5.39
CA LEU A 5 9.46 -17.63 5.70
C LEU A 5 8.25 -16.93 6.37
N PRO A 6 8.40 -16.25 7.52
CA PRO A 6 7.29 -15.37 7.97
C PRO A 6 7.02 -14.31 6.93
N ALA A 7 5.73 -13.95 6.81
CA ALA A 7 5.29 -13.14 5.68
C ALA A 7 6.03 -11.81 5.63
N HIS A 8 6.25 -11.18 6.80
CA HIS A 8 6.93 -9.89 6.83
C HIS A 8 8.35 -10.01 6.29
N LEU A 9 9.01 -11.17 6.49
CA LEU A 9 10.37 -11.36 6.01
C LEU A 9 10.44 -11.54 4.50
N ARG A 10 9.30 -11.73 3.84
CA ARG A 10 9.21 -11.66 2.39
C ARG A 10 9.14 -10.23 1.86
N LEU A 11 8.92 -9.24 2.73
CA LEU A 11 9.10 -7.85 2.33
C LEU A 11 10.59 -7.53 2.20
N GLN A 12 10.88 -6.48 1.43
CA GLN A 12 12.24 -5.97 1.42
C GLN A 12 12.63 -5.55 2.83
N PRO A 13 13.88 -5.79 3.25
CA PRO A 13 14.28 -5.54 4.64
C PRO A 13 14.03 -4.13 5.11
N ILE A 14 14.07 -3.15 4.22
CA ILE A 14 13.83 -1.79 4.64
C ILE A 14 12.44 -1.65 5.25
N TYR A 15 11.53 -2.59 4.98
CA TYR A 15 10.18 -2.57 5.55
C TYR A 15 10.07 -3.33 6.86
N TRP A 16 11.12 -4.01 7.28
CA TRP A 16 11.06 -4.83 8.47
C TRP A 16 10.96 -3.99 9.72
N SER A 17 10.06 -4.38 10.61
CA SER A 17 9.95 -3.81 11.94
C SER A 17 11.04 -4.38 12.86
N ARG A 18 11.12 -3.82 14.08
CA ARG A 18 12.04 -4.37 15.07
C ARG A 18 11.66 -5.81 15.41
N ASP A 19 10.36 -6.12 15.45
CA ASP A 19 9.96 -7.51 15.70
C ASP A 19 10.31 -8.40 14.52
N ASP A 20 10.22 -7.86 13.30
CA ASP A 20 10.53 -8.65 12.12
C ASP A 20 11.99 -9.07 12.15
N VAL A 21 12.87 -8.17 12.58
CA VAL A 21 14.29 -8.48 12.68
C VAL A 21 14.51 -9.64 13.64
N ALA A 22 13.90 -9.56 14.82
CA ALA A 22 14.03 -10.64 15.77
C ALA A 22 13.53 -11.96 15.19
N GLN A 23 12.40 -11.93 14.48
CA GLN A 23 11.94 -13.18 13.84
C GLN A 23 12.94 -13.65 12.80
N TRP A 24 13.62 -12.72 12.13
CA TRP A 24 14.65 -13.08 11.17
C TRP A 24 15.81 -13.80 11.86
N LEU A 25 16.23 -13.32 13.04
CA LEU A 25 17.30 -13.99 13.78
C LEU A 25 16.92 -15.41 14.12
N LYS A 26 15.65 -15.63 14.49
CA LYS A 26 15.20 -16.97 14.85
CA LYS A 26 15.18 -16.96 14.85
C LYS A 26 15.06 -17.86 13.63
N TRP A 27 14.53 -17.34 12.53
CA TRP A 27 14.46 -18.12 11.32
C TRP A 27 15.86 -18.53 10.89
N ALA A 28 16.80 -17.60 10.98
CA ALA A 28 18.16 -17.91 10.54
C ALA A 28 18.84 -18.90 11.48
N GLU A 29 18.54 -18.83 12.78
CA GLU A 29 19.16 -19.77 13.71
C GLU A 29 18.74 -21.18 13.35
N ASN A 30 17.45 -21.40 13.04
CA ASN A 30 16.99 -22.72 12.64
C ASN A 30 17.54 -23.10 11.28
N GLU A 31 17.49 -22.19 10.31
CA GLU A 31 17.88 -22.56 8.96
C GLU A 31 19.38 -22.89 8.88
N PHE A 32 20.23 -22.21 9.64
CA PHE A 32 21.67 -22.42 9.48
C PHE A 32 22.34 -23.08 10.68
N SER A 33 21.58 -23.58 11.64
CA SER A 33 22.11 -24.24 12.84
C SER A 33 23.14 -23.40 13.59
N LEU A 34 22.78 -22.14 13.80
CA LEU A 34 23.62 -21.16 14.47
C LEU A 34 23.42 -21.23 15.98
N ARG A 35 24.36 -20.66 16.68
CA ARG A 35 24.22 -20.57 18.13
C ARG A 35 23.06 -19.62 18.45
N PRO A 36 22.14 -20.01 19.32
CA PRO A 36 21.07 -19.09 19.70
C PRO A 36 21.65 -17.79 20.24
N ILE A 37 21.08 -16.66 19.83
CA ILE A 37 21.44 -15.39 20.42
C ILE A 37 20.18 -14.69 20.92
N ASP A 38 20.38 -13.82 21.90
CA ASP A 38 19.31 -13.03 22.47
C ASP A 38 18.49 -12.32 21.41
N SER A 39 17.17 -12.40 21.55
CA SER A 39 16.28 -11.72 20.61
C SER A 39 16.59 -10.24 20.51
N ASN A 40 17.25 -9.67 21.53
CA ASN A 40 17.59 -8.25 21.60
C ASN A 40 19.02 -7.95 21.11
N THR A 41 19.64 -8.89 20.38
CA THR A 41 21.01 -8.67 19.90
C THR A 41 21.04 -7.57 18.86
N PHE A 42 19.94 -7.37 18.12
CA PHE A 42 19.82 -6.35 17.09
C PHE A 42 18.51 -5.60 17.33
N GLU A 43 18.42 -4.87 18.46
CA GLU A 43 17.23 -4.10 18.79
C GLU A 43 17.14 -2.88 17.88
N MET A 44 16.60 -3.09 16.68
CA MET A 44 16.40 -2.02 15.70
C MET A 44 15.47 -2.57 14.63
N ASN A 45 14.95 -1.67 13.78
CA ASN A 45 14.16 -2.07 12.62
C ASN A 45 15.08 -2.30 11.43
N GLY A 46 14.49 -2.71 10.30
CA GLY A 46 15.32 -3.11 9.17
C GLY A 46 16.06 -1.96 8.55
N LYS A 47 15.44 -0.79 8.55
CA LYS A 47 16.11 0.40 8.04
C LYS A 47 17.44 0.62 8.77
N ALA A 48 17.45 0.40 10.09
CA ALA A 48 18.67 0.56 10.89
C ALA A 48 19.66 -0.58 10.64
N LEU A 49 19.14 -1.80 10.59
CA LEU A 49 19.97 -2.95 10.29
C LEU A 49 20.79 -2.72 9.02
N LEU A 50 20.20 -2.09 8.01
CA LEU A 50 20.91 -1.86 6.76
C LEU A 50 22.03 -0.82 6.87
N LEU A 51 22.07 -0.05 7.95
CA LEU A 51 23.16 0.92 8.12
C LEU A 51 24.35 0.32 8.86
N LEU A 52 24.19 -0.82 9.49
CA LEU A 52 25.29 -1.48 10.19
C LEU A 52 26.36 -1.97 9.22
N THR A 53 27.62 -1.91 9.66
CA THR A 53 28.70 -2.55 8.93
C THR A 53 28.74 -4.04 9.28
N LYS A 54 29.54 -4.78 8.50
CA LYS A 54 29.74 -6.18 8.81
C LYS A 54 30.51 -6.34 10.11
N GLU A 55 31.45 -5.42 10.36
CA GLU A 55 32.15 -5.42 11.64
C GLU A 55 31.15 -5.29 12.78
N ASP A 56 30.11 -4.46 12.59
CA ASP A 56 29.11 -4.27 13.65
C ASP A 56 28.38 -5.58 13.93
N PHE A 57 28.00 -6.28 12.86
CA PHE A 57 27.40 -7.60 12.99
C PHE A 57 28.32 -8.55 13.75
N ARG A 58 29.62 -8.56 13.41
CA ARG A 58 30.52 -9.45 14.11
C ARG A 58 30.65 -9.06 15.59
N TYR A 59 30.69 -7.75 15.89
CA TYR A 59 30.79 -7.36 17.30
C TYR A 59 29.50 -7.70 18.03
N ARG A 60 28.36 -7.48 17.38
CA ARG A 60 27.08 -7.74 18.02
C ARG A 60 26.85 -9.24 18.24
N SER A 61 27.30 -10.09 17.31
CA SER A 61 27.19 -11.54 17.48
C SER A 61 28.49 -12.18 17.05
N PRO A 62 29.40 -12.38 18.00
CA PRO A 62 30.69 -12.98 17.64
C PRO A 62 30.56 -14.34 16.98
N HIS A 63 29.52 -15.10 17.32
CA HIS A 63 29.41 -16.45 16.80
C HIS A 63 28.67 -16.54 15.48
N SER A 64 27.90 -15.52 15.11
CA SER A 64 27.10 -15.65 13.90
C SER A 64 26.94 -14.38 13.09
N GLY A 65 27.53 -13.26 13.51
CA GLY A 65 27.28 -12.00 12.83
C GLY A 65 27.68 -12.00 11.36
N ASP A 66 28.86 -12.56 11.06
CA ASP A 66 29.31 -12.55 9.67
C ASP A 66 28.31 -13.29 8.78
N GLU A 67 27.83 -14.45 9.23
CA GLU A 67 26.82 -15.19 8.50
C GLU A 67 25.55 -14.39 8.30
N LEU A 68 25.06 -13.76 9.38
CA LEU A 68 23.85 -12.97 9.30
C LEU A 68 24.00 -11.85 8.31
N TYR A 69 25.16 -11.19 8.35
CA TYR A 69 25.43 -10.10 7.42
C TYR A 69 25.34 -10.61 5.98
N GLU A 70 25.97 -11.74 5.68
CA GLU A 70 25.99 -12.26 4.32
C GLU A 70 24.61 -12.74 3.88
N LEU A 71 23.86 -13.33 4.80
CA LEU A 71 22.46 -13.64 4.54
C LEU A 71 21.69 -12.39 4.14
N LEU A 72 21.86 -11.31 4.89
CA LEU A 72 21.15 -10.09 4.53
C LEU A 72 21.54 -9.64 3.12
N GLN A 73 22.82 -9.74 2.76
CA GLN A 73 23.23 -9.30 1.43
C GLN A 73 22.60 -10.19 0.37
N HIS A 74 22.49 -11.49 0.66
CA HIS A 74 21.86 -12.39 -0.28
C HIS A 74 20.38 -12.04 -0.44
N ILE A 75 19.72 -11.69 0.66
CA ILE A 75 18.33 -11.26 0.60
C ILE A 75 18.19 -9.99 -0.21
N LEU A 76 19.10 -9.05 -0.02
CA LEU A 76 19.00 -7.80 -0.76
C LEU A 76 19.27 -8.01 -2.25
N ALA A 77 20.05 -9.05 -2.58
CA ALA A 77 20.37 -9.33 -3.99
C ALA A 77 19.28 -10.13 -4.69
N GLN A 78 18.65 -11.08 -3.98
CA GLN A 78 17.64 -11.97 -4.54
C GLN A 78 16.37 -11.80 -3.72
N PRO A 79 15.62 -10.71 -3.93
CA PRO A 79 14.48 -10.44 -3.07
C PRO A 79 13.43 -11.55 -3.16
N ALA A 80 12.80 -11.83 -2.02
CA ALA A 80 11.82 -12.89 -1.93
C ALA A 80 10.62 -12.60 -2.83
N ALA A 81 10.27 -13.57 -3.67
CA ALA A 81 9.04 -13.45 -4.43
C ALA A 81 7.86 -13.44 -3.47
N GLY A 82 6.91 -12.56 -3.74
CA GLY A 82 5.73 -12.48 -2.92
C GLY A 82 4.67 -13.48 -3.33
N ASP A 83 3.76 -13.71 -2.41
CA ASP A 83 2.60 -14.54 -2.67
C ASP A 83 1.58 -13.77 -3.48
N GLU A 84 1.16 -14.33 -4.62
CA GLU A 84 0.27 -13.61 -5.53
C GLU A 84 -1.09 -13.33 -4.89
N LEU A 85 -1.66 -14.30 -4.16
CA LEU A 85 -2.97 -14.08 -3.55
C LEU A 85 -2.88 -13.04 -2.44
N LYS A 86 -1.85 -13.12 -1.59
CA LYS A 86 -1.69 -12.09 -0.58
C LYS A 86 -1.49 -10.71 -1.24
N ILE A 87 -0.68 -10.62 -2.29
CA ILE A 87 -0.43 -9.31 -2.89
C ILE A 87 -1.70 -8.76 -3.54
N ASN A 88 -2.50 -9.64 -4.19
CA ASN A 88 -3.80 -9.22 -4.71
C ASN A 88 -4.70 -8.64 -3.64
N ALA A 89 -4.84 -9.36 -2.52
CA ALA A 89 -5.70 -8.88 -1.45
C ALA A 89 -5.19 -7.56 -0.92
N ALA A 90 -3.86 -7.46 -0.73
CA ALA A 90 -3.28 -6.21 -0.25
C ALA A 90 -3.63 -5.05 -1.17
N CYS A 91 -3.38 -5.23 -2.48
CA CYS A 91 -3.66 -4.17 -3.43
CA CYS A 91 -3.68 -4.21 -3.49
C CYS A 91 -5.14 -3.81 -3.44
N ARG A 92 -6.03 -4.81 -3.32
CA ARG A 92 -7.46 -4.52 -3.25
C ARG A 92 -7.84 -3.73 -2.00
N LYS A 93 -7.22 -4.05 -0.86
CA LYS A 93 -7.46 -3.31 0.39
C LYS A 93 -7.09 -1.85 0.23
N VAL A 94 -5.94 -1.60 -0.39
CA VAL A 94 -5.49 -0.24 -0.63
C VAL A 94 -6.41 0.45 -1.60
N GLN A 95 -6.83 -0.26 -2.64
CA GLN A 95 -7.70 0.34 -3.63
C GLN A 95 -8.95 0.87 -2.96
N HIS A 96 -9.56 0.04 -2.12
CA HIS A 96 -10.81 0.43 -1.49
C HIS A 96 -10.62 1.62 -0.56
N MET A 97 -9.60 1.55 0.30
CA MET A 97 -9.23 2.66 1.18
C MET A 97 -9.10 3.95 0.42
N VAL A 98 -8.21 3.94 -0.58
CA VAL A 98 -7.87 5.17 -1.29
C VAL A 98 -9.08 5.70 -2.05
N VAL A 99 -9.79 4.85 -2.79
CA VAL A 99 -10.91 5.37 -3.57
C VAL A 99 -12.05 5.83 -2.65
N LYS A 100 -12.33 5.08 -1.59
CA LYS A 100 -13.34 5.53 -0.63
C LYS A 100 -13.01 6.91 -0.10
N ALA A 101 -11.74 7.13 0.27
CA ALA A 101 -11.36 8.40 0.88
C ALA A 101 -11.48 9.54 -0.13
N ALA A 102 -11.03 9.30 -1.37
CA ALA A 102 -11.10 10.32 -2.42
C ALA A 102 -12.54 10.79 -2.66
N LEU A 103 -13.47 9.83 -2.75
CA LEU A 103 -14.88 10.18 -2.97
C LEU A 103 -15.48 10.93 -1.78
N LEU A 104 -15.17 10.50 -0.55
CA LEU A 104 -15.64 11.24 0.62
C LEU A 104 -15.03 12.64 0.66
N ALA A 105 -13.75 12.76 0.33
CA ALA A 105 -13.08 14.05 0.45
C ALA A 105 -13.59 15.06 -0.58
N ASP A 106 -13.81 14.64 -1.83
CA ASP A 106 -14.08 15.59 -2.90
C ASP A 106 -15.44 15.43 -3.56
N LYS A 107 -16.21 14.42 -3.17
CA LYS A 107 -17.63 14.32 -3.51
C LYS A 107 -17.87 14.31 -5.01
N PHE A 108 -16.95 13.68 -5.74
CA PHE A 108 -17.10 13.47 -7.18
C PHE A 108 -18.47 12.87 -7.48
N PRO A 109 -19.21 13.43 -8.44
CA PRO A 109 -20.52 12.86 -8.80
C PRO A 109 -20.44 11.66 -9.74
N VAL A 110 -19.30 11.46 -10.39
CA VAL A 110 -19.13 10.35 -11.31
C VAL A 110 -17.70 9.84 -11.17
N LEU A 111 -17.55 8.52 -11.25
CA LEU A 111 -16.26 7.85 -11.27
C LEU A 111 -16.13 7.06 -12.57
N HIS A 112 -15.06 7.32 -13.31
CA HIS A 112 -14.75 6.69 -14.59
C HIS A 112 -13.66 5.65 -14.34
N ASP A 113 -14.06 4.40 -14.26
CA ASP A 113 -13.17 3.30 -13.90
C ASP A 113 -12.61 2.73 -15.20
N ILE A 114 -11.38 3.10 -15.50
CA ILE A 114 -10.78 2.82 -16.81
C ILE A 114 -9.77 1.70 -16.66
N GLY A 115 -9.99 0.62 -17.42
CA GLY A 115 -9.24 -0.59 -17.22
C GLY A 115 -9.86 -1.56 -16.23
N ASN A 116 -11.19 -1.58 -16.14
CA ASN A 116 -11.91 -2.49 -15.25
C ASN A 116 -12.78 -3.38 -16.13
N PRO A 117 -12.37 -4.63 -16.36
CA PRO A 117 -13.08 -5.48 -17.31
C PRO A 117 -14.16 -6.33 -16.67
N LYS A 118 -14.38 -6.20 -15.37
CA LYS A 118 -15.34 -7.02 -14.64
C LYS A 118 -16.48 -6.22 -14.07
N ALA A 119 -16.46 -4.89 -14.21
CA ALA A 119 -17.54 -4.02 -13.77
C ALA A 119 -17.82 -4.23 -12.30
N ILE A 120 -16.75 -4.30 -11.51
CA ILE A 120 -16.83 -4.42 -10.06
C ILE A 120 -16.37 -3.10 -9.47
N LYS A 121 -17.20 -2.51 -8.61
CA LYS A 121 -16.86 -1.30 -7.89
C LYS A 121 -16.00 -1.63 -6.67
N CYS A 122 -14.91 -0.89 -6.51
CA CYS A 122 -14.13 -1.13 -5.33
C CYS A 122 -14.82 -0.52 -4.10
N VAL A 123 -15.68 0.48 -4.29
CA VAL A 123 -16.36 1.14 -3.17
C VAL A 123 -17.86 1.13 -3.46
N PRO A 124 -18.51 -0.03 -3.35
CA PRO A 124 -19.90 -0.14 -3.82
C PRO A 124 -20.91 0.64 -3.00
N GLN A 125 -20.55 1.14 -1.82
CA GLN A 125 -21.51 1.86 -1.00
C GLN A 125 -21.36 3.37 -1.15
N ALA A 126 -20.47 3.85 -2.01
CA ALA A 126 -20.37 5.28 -2.22
C ALA A 126 -21.56 5.79 -3.03
N ASP A 127 -21.94 7.03 -2.76
CA ASP A 127 -22.96 7.77 -3.51
C ASP A 127 -22.26 8.45 -4.68
N VAL A 128 -22.14 7.72 -5.79
CA VAL A 128 -21.50 8.22 -6.99
C VAL A 128 -22.02 7.38 -8.14
N GLU A 129 -22.08 7.99 -9.33
CA GLU A 129 -22.38 7.22 -10.54
C GLU A 129 -21.08 6.55 -11.02
N TRP A 130 -21.04 5.22 -11.02
CA TRP A 130 -19.86 4.46 -11.42
C TRP A 130 -19.98 4.07 -12.89
N LYS A 131 -18.96 4.37 -13.69
CA LYS A 131 -18.91 4.00 -15.09
C LYS A 131 -17.65 3.21 -15.41
N PHE A 132 -17.81 2.14 -16.18
CA PHE A 132 -16.70 1.24 -16.45
C PHE A 132 -16.28 1.25 -17.91
N TYR A 133 -14.97 1.17 -18.12
CA TYR A 133 -14.37 1.14 -19.44
C TYR A 133 -13.23 0.14 -19.46
N ASP A 134 -13.05 -0.54 -20.59
CA ASP A 134 -11.92 -1.45 -20.75
C ASP A 134 -11.70 -1.75 -22.22
N ALA A 135 -10.44 -1.91 -22.62
CA ALA A 135 -10.14 -2.25 -24.01
C ALA A 135 -10.55 -3.67 -24.38
N GLN A 136 -10.63 -4.58 -23.39
CA GLN A 136 -11.04 -5.96 -23.60
C GLN A 136 -11.92 -6.39 -22.44
N PRO A 137 -13.17 -5.93 -22.42
CA PRO A 137 -14.04 -6.30 -21.31
C PRO A 137 -14.23 -7.81 -21.30
N CYS A 138 -14.29 -8.40 -20.10
CA CYS A 138 -14.75 -9.79 -19.98
C CYS A 138 -16.11 -9.94 -20.65
N SER A 139 -16.27 -11.01 -21.41
CA SER A 139 -17.47 -11.12 -22.24
C SER A 139 -18.74 -11.21 -21.38
N ASP A 140 -18.65 -11.75 -20.15
CA ASP A 140 -19.80 -11.80 -19.24
C ASP A 140 -20.09 -10.49 -18.49
N LYS A 141 -19.31 -9.45 -18.67
CA LYS A 141 -19.61 -8.13 -18.10
C LYS A 141 -19.59 -7.02 -19.14
N ALA A 142 -19.32 -7.35 -20.42
CA ALA A 142 -19.22 -6.33 -21.47
C ALA A 142 -20.54 -5.59 -21.64
N TYR A 143 -21.67 -6.21 -21.31
CA TYR A 143 -22.95 -5.52 -21.44
C TYR A 143 -23.01 -4.22 -20.65
N LYS A 144 -22.14 -4.02 -19.66
CA LYS A 144 -22.16 -2.78 -18.89
C LYS A 144 -20.77 -2.16 -18.77
N ILE A 145 -19.93 -2.43 -19.76
CA ILE A 145 -18.59 -1.87 -19.86
C ILE A 145 -18.43 -1.25 -21.25
N GLU A 146 -17.96 0.00 -21.31
CA GLU A 146 -17.67 0.67 -22.58
C GLU A 146 -16.37 0.09 -23.11
N GLU A 147 -16.38 -0.47 -24.33
CA GLU A 147 -15.16 -0.99 -24.94
CA GLU A 147 -15.16 -0.99 -24.94
C GLU A 147 -14.35 0.20 -25.45
N LEU A 148 -13.26 0.51 -24.77
CA LEU A 148 -12.51 1.73 -25.02
C LEU A 148 -11.05 1.52 -24.64
N PHE A 149 -10.13 1.90 -25.55
CA PHE A 149 -8.70 1.92 -25.29
C PHE A 149 -8.39 3.38 -25.02
N TYR A 150 -8.01 3.68 -23.78
CA TYR A 150 -7.68 5.03 -23.38
C TYR A 150 -6.28 5.45 -23.83
N SER A 151 -6.23 6.61 -24.44
CA SER A 151 -4.98 7.29 -24.72
CA SER A 151 -4.97 7.28 -24.71
C SER A 151 -5.22 8.76 -24.49
N TYR A 152 -4.27 9.39 -23.83
CA TYR A 152 -4.40 10.81 -23.52
C TYR A 152 -4.54 11.61 -24.81
N ALA A 153 -3.83 11.21 -25.86
CA ALA A 153 -3.88 11.93 -27.12
C ALA A 153 -5.26 11.89 -27.75
N THR A 154 -6.06 10.88 -27.44
CA THR A 154 -7.40 10.75 -27.98
C THR A 154 -8.50 11.20 -27.02
N HIS A 155 -8.28 11.14 -25.71
CA HIS A 155 -9.34 11.27 -24.71
C HIS A 155 -9.12 12.36 -23.67
N SER A 156 -8.13 13.23 -23.84
CA SER A 156 -7.83 14.18 -22.79
C SER A 156 -8.96 15.20 -22.61
N ASP A 157 -9.86 15.33 -23.57
CA ASP A 157 -10.99 16.24 -23.48
C ASP A 157 -12.26 15.54 -23.05
N LYS A 158 -12.17 14.26 -22.70
CA LYS A 158 -13.27 13.45 -22.24
C LYS A 158 -13.07 13.12 -20.75
N PHE A 159 -14.13 12.63 -20.12
CA PHE A 159 -14.06 12.18 -18.72
C PHE A 159 -13.61 13.30 -17.79
N THR A 160 -14.01 14.53 -18.11
CA THR A 160 -13.65 15.71 -17.34
C THR A 160 -14.57 15.94 -16.15
N ASP A 161 -15.71 15.25 -16.08
CA ASP A 161 -16.55 15.29 -14.90
C ASP A 161 -16.13 14.20 -13.92
N GLY A 162 -16.26 14.49 -12.64
CA GLY A 162 -15.93 13.50 -11.64
C GLY A 162 -14.44 13.16 -11.59
N VAL A 163 -14.17 11.89 -11.28
CA VAL A 163 -12.81 11.42 -11.13
C VAL A 163 -12.60 10.17 -11.99
N CYS A 164 -11.38 10.00 -12.45
CA CYS A 164 -10.99 8.81 -13.20
C CYS A 164 -10.18 7.89 -12.31
N LEU A 165 -10.42 6.58 -12.43
CA LEU A 165 -9.67 5.57 -11.68
C LEU A 165 -8.88 4.69 -12.65
N PHE A 166 -7.55 4.64 -12.50
CA PHE A 166 -6.67 3.80 -13.34
C PHE A 166 -5.93 2.87 -12.38
N TRP A 167 -6.59 1.82 -11.95
CA TRP A 167 -5.96 0.92 -10.99
C TRP A 167 -5.22 -0.15 -11.78
N ASN A 168 -3.90 0.08 -11.98
CA ASN A 168 -3.04 -0.81 -12.76
C ASN A 168 -3.56 -0.92 -14.19
N CYS A 169 -3.85 0.24 -14.77
CA CYS A 169 -4.19 0.35 -16.19
C CYS A 169 -3.20 1.37 -16.74
N ASN A 170 -2.19 0.86 -17.40
CA ASN A 170 -1.01 1.59 -17.80
C ASN A 170 -1.30 2.31 -19.12
N VAL A 171 -1.50 3.62 -19.06
CA VAL A 171 -1.77 4.39 -20.26
C VAL A 171 -0.60 5.33 -20.51
N ASP A 172 -0.62 5.97 -21.68
CA ASP A 172 0.47 6.87 -22.08
C ASP A 172 0.59 8.04 -21.11
N ARG A 173 -0.54 8.64 -20.72
CA ARG A 173 -0.52 9.72 -19.76
C ARG A 173 -1.88 9.82 -19.09
N TYR A 174 -1.86 9.92 -17.77
CA TYR A 174 -3.08 10.02 -16.99
C TYR A 174 -3.66 11.44 -17.01
N PRO A 175 -4.97 11.58 -17.09
CA PRO A 175 -5.54 12.92 -16.95
C PRO A 175 -5.44 13.41 -15.52
N ALA A 176 -5.61 14.73 -15.38
CA ALA A 176 -5.38 15.39 -14.09
C ALA A 176 -6.37 14.94 -13.03
N ASN A 177 -7.57 14.51 -13.43
CA ASN A 177 -8.58 14.12 -12.46
C ASN A 177 -8.56 12.61 -12.25
N SER A 178 -7.42 12.08 -11.78
CA SER A 178 -7.21 10.64 -11.68
C SER A 178 -6.74 10.14 -10.32
N ILE A 179 -7.06 8.88 -10.05
CA ILE A 179 -6.50 8.07 -8.97
C ILE A 179 -5.77 6.91 -9.65
N VAL A 180 -4.48 6.74 -9.36
CA VAL A 180 -3.66 5.81 -10.12
C VAL A 180 -2.87 4.89 -9.21
N CYS A 181 -2.88 3.60 -9.54
CA CYS A 181 -1.92 2.60 -9.09
C CYS A 181 -1.16 2.10 -10.31
N ARG A 182 0.17 2.16 -10.24
CA ARG A 182 1.06 1.71 -11.31
C ARG A 182 2.11 0.74 -10.79
N PHE A 183 2.37 -0.32 -11.53
CA PHE A 183 3.39 -1.27 -11.15
C PHE A 183 4.66 -0.98 -11.94
N ASP A 184 5.81 -1.15 -11.29
CA ASP A 184 7.11 -1.15 -11.98
C ASP A 184 7.68 -2.56 -12.10
N LYS A 215 8.48 8.58 -15.58
CA LYS A 215 7.71 9.56 -14.81
C LYS A 215 6.82 10.49 -15.64
N SER A 216 7.04 10.52 -16.94
CA SER A 216 6.28 11.43 -17.77
C SER A 216 4.81 11.05 -17.86
N ALA A 217 4.44 9.79 -17.62
CA ALA A 217 3.03 9.45 -17.56
C ALA A 217 2.30 10.18 -16.42
N PHE A 218 3.02 10.63 -15.39
CA PHE A 218 2.39 11.12 -14.18
C PHE A 218 2.40 12.64 -14.00
N VAL A 219 2.77 13.41 -15.04
CA VAL A 219 3.00 14.83 -14.82
C VAL A 219 1.76 15.56 -14.32
N ASN A 220 0.56 15.08 -14.66
CA ASN A 220 -0.65 15.79 -14.25
C ASN A 220 -1.00 15.50 -12.80
N LEU A 221 -0.25 14.61 -12.16
CA LEU A 221 -0.60 14.07 -10.85
C LEU A 221 0.51 14.32 -9.84
N LYS A 222 0.22 13.98 -8.58
CA LYS A 222 1.22 13.94 -7.53
C LYS A 222 1.28 12.55 -6.89
N GLN A 223 2.43 12.22 -6.29
CA GLN A 223 2.51 10.99 -5.52
C GLN A 223 1.52 11.04 -4.37
N LEU A 224 0.96 9.89 -4.04
CA LEU A 224 0.00 9.82 -2.97
C LEU A 224 0.69 9.28 -1.74
N PRO A 225 0.83 10.07 -0.69
CA PRO A 225 1.44 9.55 0.54
C PRO A 225 0.50 8.62 1.28
N PHE A 226 1.12 7.73 2.06
CA PHE A 226 0.35 6.86 2.93
C PHE A 226 -0.55 7.66 3.85
N PHE A 227 -1.77 7.14 4.02
CA PHE A 227 -2.67 7.54 5.08
C PHE A 227 -3.60 6.37 5.33
N TYR A 228 -4.20 6.36 6.51
CA TYR A 228 -5.27 5.42 6.85
C TYR A 228 -6.47 6.27 7.25
N TYR A 229 -7.62 6.01 6.63
CA TYR A 229 -8.87 6.67 6.97
C TYR A 229 -9.90 5.64 7.39
N SER A 230 -10.62 5.94 8.47
CA SER A 230 -11.74 5.11 8.86
C SER A 230 -12.82 5.90 9.56
N ASP A 231 -14.06 5.59 9.21
CA ASP A 231 -15.24 6.15 9.84
C ASP A 231 -16.05 5.10 10.57
N SER A 232 -15.46 3.94 10.84
CA SER A 232 -16.16 2.94 11.61
C SER A 232 -16.17 3.33 13.09
N PRO A 233 -17.09 2.75 13.88
CA PRO A 233 -17.18 3.15 15.29
C PRO A 233 -15.92 2.80 16.04
N CYS A 234 -15.52 3.72 16.92
CA CYS A 234 -14.42 3.48 17.84
C CYS A 234 -14.84 2.51 18.93
N GLU A 235 -13.90 1.63 19.30
CA GLU A 235 -14.12 0.60 20.32
C GLU A 235 -12.80 0.47 21.08
N SER A 236 -12.87 0.33 22.40
CA SER A 236 -11.69 0.31 23.23
C SER A 236 -11.28 -1.06 23.72
N HIS A 237 -12.07 -2.12 23.47
CA HIS A 237 -11.64 -3.45 23.93
C HIS A 237 -12.26 -4.65 23.23
N TYR A 247 -3.06 -2.81 24.03
CA TYR A 247 -2.28 -2.66 22.81
C TYR A 247 -1.12 -1.70 23.08
N VAL A 248 -0.17 -1.66 22.16
CA VAL A 248 0.87 -0.63 22.15
C VAL A 248 0.21 0.63 21.60
N PRO A 249 0.09 1.71 22.38
CA PRO A 249 -0.63 2.88 21.87
C PRO A 249 -0.09 3.31 20.51
N LEU A 250 -1.00 3.62 19.58
CA LEU A 250 -0.59 4.08 18.27
C LEU A 250 -0.47 5.61 18.26
N LYS A 251 0.69 6.11 17.87
CA LYS A 251 0.92 7.52 17.66
C LYS A 251 1.29 7.69 16.20
N SER A 252 0.41 8.33 15.43
CA SER A 252 0.68 8.59 14.02
C SER A 252 -0.23 9.68 13.51
N ALA A 253 0.37 10.64 12.80
CA ALA A 253 -0.39 11.73 12.21
C ALA A 253 -1.19 11.28 10.99
N THR A 254 -0.98 10.06 10.52
CA THR A 254 -1.57 9.57 9.28
C THR A 254 -2.72 8.60 9.58
N CYS A 255 -3.07 8.41 10.85
CA CYS A 255 -4.26 7.67 11.26
C CYS A 255 -5.41 8.66 11.32
N ILE A 256 -6.19 8.72 10.25
CA ILE A 256 -7.25 9.71 10.11
C ILE A 256 -8.52 9.03 10.63
N THR A 257 -8.71 9.10 11.95
CA THR A 257 -9.86 8.55 12.62
C THR A 257 -10.36 9.56 13.64
N ARG A 258 -11.63 9.42 14.02
CA ARG A 258 -12.23 10.36 14.95
CA ARG A 258 -12.21 10.37 14.95
C ARG A 258 -11.49 10.37 16.28
N CYS A 259 -11.02 9.20 16.71
CA CYS A 259 -10.29 9.07 17.97
C CYS A 259 -8.88 9.66 17.91
N ASN A 260 -8.38 9.99 16.73
CA ASN A 260 -7.06 10.61 16.62
C ASN A 260 -7.15 12.11 16.52
N LEU A 261 -8.37 12.66 16.53
CA LEU A 261 -8.47 14.11 16.58
C LEU A 261 -7.76 14.65 17.81
N GLY A 262 -7.82 13.91 18.92
CA GLY A 262 -7.21 14.28 20.19
C GLY A 262 -6.03 13.39 20.51
N GLY A 263 -5.54 12.66 19.50
CA GLY A 263 -4.38 11.82 19.70
C GLY A 263 -4.54 10.57 20.55
N ALA A 264 -5.76 10.10 20.79
CA ALA A 264 -5.95 8.90 21.62
C ALA A 264 -6.60 7.79 20.80
N VAL A 265 -5.81 7.14 19.93
CA VAL A 265 -6.37 6.16 19.01
C VAL A 265 -6.95 5.01 19.81
N CYS A 266 -8.17 4.63 19.48
CA CYS A 266 -8.80 3.52 20.17
C CYS A 266 -8.13 2.22 19.71
N ARG A 267 -8.31 1.15 20.50
CA ARG A 267 -7.65 -0.13 20.23
C ARG A 267 -8.07 -0.72 18.87
N HIS A 268 -9.35 -0.58 18.54
CA HIS A 268 -9.86 -1.10 17.27
C HIS A 268 -9.13 -0.48 16.09
N HIS A 269 -9.02 0.86 16.06
CA HIS A 269 -8.40 1.54 14.93
C HIS A 269 -6.90 1.40 14.93
N ALA A 270 -6.31 1.30 16.12
CA ALA A 270 -4.91 0.92 16.20
C ALA A 270 -4.69 -0.40 15.49
N ASN A 271 -5.49 -1.40 15.84
CA ASN A 271 -5.39 -2.71 15.19
C ASN A 271 -5.56 -2.56 13.69
N GLU A 272 -6.62 -1.87 13.25
CA GLU A 272 -6.89 -1.79 11.81
C GLU A 272 -5.82 -0.99 11.09
N TYR A 273 -5.36 0.10 11.69
CA TYR A 273 -4.27 0.86 11.11
C TYR A 273 -3.07 -0.03 10.86
N ARG A 274 -2.73 -0.89 11.83
CA ARG A 274 -1.53 -1.73 11.67
C ARG A 274 -1.74 -2.78 10.60
N LEU A 275 -2.95 -3.32 10.50
CA LEU A 275 -3.22 -4.26 9.44
C LEU A 275 -3.19 -3.58 8.07
N TYR A 276 -3.75 -2.38 7.99
CA TYR A 276 -3.72 -1.67 6.72
C TYR A 276 -2.28 -1.34 6.33
N LEU A 277 -1.46 -0.96 7.30
CA LEU A 277 -0.05 -0.64 7.01
C LEU A 277 0.72 -1.87 6.52
N ASP A 278 0.39 -3.06 7.02
CA ASP A 278 1.02 -4.29 6.53
C ASP A 278 0.64 -4.57 5.08
N ALA A 279 -0.65 -4.46 4.76
CA ALA A 279 -1.11 -4.58 3.38
C ALA A 279 -0.47 -3.54 2.48
N TYR A 280 -0.36 -2.30 2.96
CA TYR A 280 0.21 -1.23 2.16
C TYR A 280 1.71 -1.46 1.93
N ASN A 281 2.40 -1.95 2.96
CA ASN A 281 3.81 -2.25 2.78
C ASN A 281 4.00 -3.37 1.78
N MET A 282 3.10 -4.35 1.79
CA MET A 282 3.29 -5.47 0.88
C MET A 282 3.06 -5.02 -0.55
N MET A 283 2.16 -4.05 -0.77
CA MET A 283 1.98 -3.57 -2.14
C MET A 283 3.13 -2.65 -2.57
N ILE A 284 3.62 -1.76 -1.69
CA ILE A 284 4.78 -0.94 -2.07
C ILE A 284 6.03 -1.81 -2.26
N SER A 285 6.25 -2.79 -1.38
CA SER A 285 7.44 -3.64 -1.49
C SER A 285 7.42 -4.45 -2.79
N ALA A 286 6.23 -4.73 -3.33
CA ALA A 286 6.13 -5.45 -4.59
C ALA A 286 6.30 -4.58 -5.83
N GLY A 287 6.44 -3.27 -5.69
CA GLY A 287 6.71 -2.42 -6.83
C GLY A 287 5.56 -1.54 -7.28
N PHE A 288 4.42 -1.54 -6.59
CA PHE A 288 3.34 -0.62 -6.93
C PHE A 288 3.55 0.76 -6.31
N SER A 289 3.11 1.79 -7.04
CA SER A 289 3.12 3.15 -6.52
C SER A 289 1.79 3.83 -6.80
N LEU A 290 1.44 4.77 -5.93
CA LEU A 290 0.16 5.45 -6.01
C LEU A 290 0.33 6.92 -6.32
N TRP A 291 -0.54 7.41 -7.20
CA TRP A 291 -0.57 8.77 -7.64
C TRP A 291 -2.00 9.28 -7.63
N VAL A 292 -2.13 10.59 -7.51
CA VAL A 292 -3.44 11.19 -7.27
C VAL A 292 -3.52 12.61 -7.82
N TYR A 293 -4.76 13.05 -8.04
CA TYR A 293 -5.04 14.39 -8.52
C TYR A 293 -4.47 15.38 -7.51
N LYS A 294 -3.99 16.49 -8.04
CA LYS A 294 -3.14 17.34 -7.23
C LYS A 294 -3.93 18.02 -6.11
N GLN A 295 -5.27 18.13 -6.21
CA GLN A 295 -6.02 18.80 -5.14
C GLN A 295 -6.31 17.88 -3.95
N PHE A 296 -6.01 16.59 -4.06
CA PHE A 296 -6.24 15.67 -2.95
C PHE A 296 -5.63 16.20 -1.65
N ASP A 297 -6.45 16.26 -0.60
CA ASP A 297 -6.09 16.92 0.66
C ASP A 297 -6.62 16.09 1.81
N THR A 298 -5.71 15.55 2.64
CA THR A 298 -6.19 14.76 3.78
C THR A 298 -6.97 15.61 4.81
N TYR A 299 -6.87 16.95 4.81
CA TYR A 299 -7.72 17.70 5.73
C TYR A 299 -9.20 17.57 5.40
N ASN A 300 -9.52 17.33 4.13
CA ASN A 300 -10.91 17.07 3.76
C ASN A 300 -11.45 15.81 4.44
N LEU A 301 -10.55 14.88 4.76
CA LEU A 301 -10.93 13.66 5.47
C LEU A 301 -11.12 13.96 6.94
N TRP A 302 -10.22 14.76 7.52
CA TRP A 302 -10.41 15.15 8.90
C TRP A 302 -11.73 15.87 9.08
N ASN A 303 -12.11 16.72 8.10
CA ASN A 303 -13.35 17.47 8.20
C ASN A 303 -14.57 16.59 8.15
N THR A 304 -14.45 15.34 7.69
CA THR A 304 -15.61 14.47 7.73
C THR A 304 -16.04 14.17 9.15
N PHE A 305 -15.17 14.38 10.15
CA PHE A 305 -15.55 14.15 11.53
C PHE A 305 -16.04 15.46 12.13
#